data_4CJD
#
_entry.id   4CJD
#
_cell.length_a   51.227
_cell.length_b   51.227
_cell.length_c   577.942
_cell.angle_alpha   90.00
_cell.angle_beta   90.00
_cell.angle_gamma   120.00
#
_symmetry.space_group_name_H-M   'H 3 2'
#
loop_
_entity.id
_entity.type
_entity.pdbx_description
1 polymer NADA
2 non-polymer 'IODIDE ION'
3 water water
#
_entity_poly.entity_id   1
_entity_poly.type   'polypeptide(L)'
_entity_poly.pdbx_seq_one_letter_code
;MKDNPPPSTDEIAKAALVGVYNNTQDINGFKVGDTIYDIENGQPKGRPATEDDVKADDFGGLGLKEVLAQHDQSLADLTG
TVEENSEALVKTAEVVNDISADVKANTAAIRENKAAIATKADKTELDEVSGKVTANETAIGKKANSADVYTKAEVYTKQE
SDNRFVKIGDRIGNLNTTANGLETRLADAEKSVKDHGTRASKHHHHHH
;
_entity_poly.pdbx_strand_id   A
#
loop_
_chem_comp.id
_chem_comp.type
_chem_comp.name
_chem_comp.formula
IOD non-polymer 'IODIDE ION' 'I -1'
#
# COMPACT_ATOMS: atom_id res chain seq x y z
N PRO A 6 60.57 -7.57 -1.44
CA PRO A 6 59.31 -8.13 -0.96
C PRO A 6 58.71 -7.33 0.20
N PRO A 7 57.43 -7.56 0.50
CA PRO A 7 56.90 -7.07 1.78
C PRO A 7 57.31 -8.01 2.90
N SER A 8 57.88 -7.45 3.96
CA SER A 8 58.22 -8.23 5.16
C SER A 8 56.94 -8.78 5.83
N THR A 9 57.12 -9.79 6.68
CA THR A 9 56.06 -10.29 7.57
C THR A 9 55.41 -9.16 8.34
N ASP A 10 56.23 -8.26 8.87
CA ASP A 10 55.73 -7.12 9.61
C ASP A 10 54.80 -6.25 8.75
N GLU A 11 55.17 -5.94 7.52
CA GLU A 11 54.32 -5.15 6.64
C GLU A 11 53.02 -5.87 6.29
N ILE A 12 53.11 -7.16 6.02
CA ILE A 12 51.92 -7.96 5.72
C ILE A 12 50.94 -7.91 6.88
N ALA A 13 51.47 -8.16 8.08
CA ALA A 13 50.66 -8.16 9.29
C ALA A 13 49.96 -6.82 9.49
N LYS A 14 50.69 -5.73 9.26
CA LYS A 14 50.13 -4.39 9.48
C LYS A 14 49.10 -4.05 8.42
N ALA A 15 49.34 -4.50 7.20
CA ALA A 15 48.38 -4.28 6.14
C ALA A 15 47.10 -5.08 6.41
N ALA A 16 47.26 -6.28 6.94
CA ALA A 16 46.10 -7.09 7.32
C ALA A 16 45.32 -6.40 8.46
N LEU A 17 46.03 -5.93 9.47
CA LEU A 17 45.35 -5.27 10.58
C LEU A 17 44.57 -4.04 10.11
N VAL A 18 45.21 -3.23 9.28
CA VAL A 18 44.50 -2.07 8.73
C VAL A 18 43.31 -2.48 7.87
N GLY A 19 43.47 -3.53 7.04
CA GLY A 19 42.36 -4.03 6.23
C GLY A 19 41.18 -4.48 7.08
N VAL A 20 41.49 -5.21 8.14
CA VAL A 20 40.47 -5.66 9.11
C VAL A 20 39.69 -4.47 9.68
N TYR A 21 40.42 -3.44 10.11
CA TYR A 21 39.80 -2.25 10.69
C TYR A 21 38.83 -1.61 9.70
N ASN A 22 39.25 -1.50 8.43
CA ASN A 22 38.39 -0.91 7.44
C ASN A 22 37.11 -1.72 7.17
N ASN A 23 37.22 -3.05 7.07
CA ASN A 23 36.04 -3.90 6.95
C ASN A 23 35.16 -3.80 8.17
N THR A 24 35.77 -3.74 9.34
CA THR A 24 34.99 -3.59 10.58
C THR A 24 34.20 -2.27 10.58
N GLN A 25 34.82 -1.16 10.10
CA GLN A 25 34.03 0.06 9.93
C GLN A 25 32.93 -0.06 8.87
N ASP A 26 33.22 -0.74 7.75
CA ASP A 26 32.17 -1.01 6.78
C ASP A 26 30.99 -1.75 7.40
N ILE A 27 31.28 -2.70 8.25
CA ILE A 27 30.20 -3.50 8.84
C ILE A 27 29.45 -2.79 9.96
N ASN A 28 30.20 -2.08 10.78
CA ASN A 28 29.62 -1.51 12.02
C ASN A 28 29.41 -0.02 11.95
N GLY A 29 29.97 0.64 10.95
CA GLY A 29 29.66 2.06 10.84
C GLY A 29 30.79 2.93 11.37
N PHE A 30 30.80 4.22 11.01
CA PHE A 30 31.71 5.12 11.71
C PHE A 30 31.08 6.51 11.77
N LYS A 31 31.69 7.36 12.58
CA LYS A 31 31.13 8.68 12.78
C LYS A 31 32.22 9.71 12.83
N VAL A 32 31.83 10.98 12.82
CA VAL A 32 32.79 12.05 12.85
C VAL A 32 33.67 11.88 14.07
N GLY A 33 34.96 11.97 13.83
CA GLY A 33 35.95 11.84 14.88
C GLY A 33 36.50 10.45 15.10
N ASP A 34 35.85 9.42 14.53
CA ASP A 34 36.45 8.09 14.53
C ASP A 34 37.76 8.07 13.72
N THR A 35 38.72 7.27 14.14
CA THR A 35 39.97 7.18 13.39
C THR A 35 39.73 6.40 12.12
N ILE A 36 40.24 6.94 11.03
CA ILE A 36 40.28 6.23 9.76
C ILE A 36 41.76 5.83 9.51
N TYR A 37 42.02 4.55 9.23
CA TYR A 37 43.40 4.08 9.06
C TYR A 37 43.69 3.70 7.61
N ASP A 38 44.91 3.97 7.18
CA ASP A 38 45.44 3.41 5.96
C ASP A 38 46.90 3.05 6.21
N ILE A 39 47.56 2.63 5.14
CA ILE A 39 48.94 2.22 5.23
C ILE A 39 49.75 3.24 4.46
N GLU A 40 50.82 3.73 5.09
CA GLU A 40 51.72 4.69 4.46
C GLU A 40 53.17 4.35 4.85
N ASN A 41 54.04 4.25 3.84
CA ASN A 41 55.40 3.78 4.08
C ASN A 41 55.33 2.46 4.84
N GLY A 42 54.41 1.60 4.42
CA GLY A 42 54.22 0.30 5.06
C GLY A 42 53.84 0.34 6.53
N GLN A 43 53.56 1.55 7.04
CA GLN A 43 53.10 1.71 8.41
C GLN A 43 51.63 2.12 8.43
N PRO A 44 50.88 1.64 9.43
CA PRO A 44 49.50 2.11 9.62
C PRO A 44 49.47 3.58 10.05
N LYS A 45 48.56 4.35 9.48
CA LYS A 45 48.45 5.78 9.77
C LYS A 45 46.99 6.11 10.01
N GLY A 46 46.71 6.76 11.13
CA GLY A 46 45.35 7.13 11.45
C GLY A 46 45.11 8.61 11.24
N ARG A 47 43.86 8.97 10.93
CA ARG A 47 43.46 10.37 10.92
C ARG A 47 41.97 10.44 11.32
N PRO A 48 41.50 11.59 11.80
CA PRO A 48 40.09 11.59 12.21
C PRO A 48 39.10 11.69 11.04
N ALA A 49 38.06 10.87 11.08
CA ALA A 49 36.95 11.05 10.15
C ALA A 49 36.32 12.46 10.29
N THR A 50 36.17 13.16 9.16
CA THR A 50 35.48 14.42 9.11
C THR A 50 34.07 14.18 8.63
N GLU A 51 33.23 15.20 8.65
CA GLU A 51 31.91 15.05 8.07
C GLU A 51 32.00 14.76 6.53
N ASP A 52 33.02 15.27 5.82
CA ASP A 52 33.19 14.95 4.41
C ASP A 52 33.37 13.44 4.23
N ASP A 53 34.17 12.79 5.09
CA ASP A 53 34.37 11.34 4.99
C ASP A 53 33.11 10.58 5.22
N VAL A 54 32.33 11.06 6.17
CA VAL A 54 31.07 10.45 6.47
C VAL A 54 30.12 10.54 5.26
N LYS A 55 30.01 11.72 4.67
CA LYS A 55 29.17 11.92 3.51
C LYS A 55 29.63 11.15 2.27
N ALA A 56 30.95 10.94 2.13
CA ALA A 56 31.53 10.22 1.01
C ALA A 56 31.26 8.70 1.10
N ASP A 57 30.90 8.21 2.29
CA ASP A 57 30.65 6.78 2.46
C ASP A 57 29.33 6.42 1.77
N ASP A 58 29.23 5.22 1.20
CA ASP A 58 28.05 4.88 0.40
C ASP A 58 26.78 4.91 1.21
N PHE A 59 26.91 4.62 2.50
CA PHE A 59 25.75 4.69 3.38
C PHE A 59 25.95 5.64 4.52
N GLY A 60 26.69 6.71 4.24
CA GLY A 60 26.77 7.80 5.21
C GLY A 60 27.34 7.28 6.54
N GLY A 61 28.19 6.25 6.50
CA GLY A 61 28.84 5.77 7.71
C GLY A 61 27.95 4.94 8.63
N LEU A 62 26.74 4.62 8.19
CA LEU A 62 25.84 3.84 9.04
C LEU A 62 26.38 2.44 9.31
N GLY A 63 27.05 1.87 8.32
CA GLY A 63 27.49 0.48 8.38
C GLY A 63 26.44 -0.49 7.90
N LEU A 64 26.88 -1.63 7.41
CA LEU A 64 25.95 -2.62 6.85
C LEU A 64 24.89 -3.10 7.87
N LYS A 65 25.30 -3.34 9.11
CA LYS A 65 24.34 -3.85 10.12
C LYS A 65 23.19 -2.86 10.34
N GLU A 66 23.52 -1.58 10.50
CA GLU A 66 22.50 -0.61 10.74
C GLU A 66 21.59 -0.42 9.53
N VAL A 67 22.13 -0.45 8.31
CA VAL A 67 21.24 -0.30 7.15
C VAL A 67 20.30 -1.52 7.11
N LEU A 68 20.86 -2.70 7.36
CA LEU A 68 19.97 -3.89 7.38
C LEU A 68 18.88 -3.74 8.44
N ALA A 69 19.21 -3.20 9.63
CA ALA A 69 18.16 -3.01 10.66
C ALA A 69 17.06 -2.04 10.19
N GLN A 70 17.47 -1.00 9.47
CA GLN A 70 16.50 -0.05 8.91
C GLN A 70 15.62 -0.71 7.89
N HIS A 71 16.20 -1.57 7.06
CA HIS A 71 15.40 -2.38 6.12
C HIS A 71 14.42 -3.33 6.81
N ASP A 72 14.83 -3.97 7.89
CA ASP A 72 13.86 -4.73 8.69
C ASP A 72 12.65 -3.93 9.15
N GLN A 73 12.89 -2.73 9.68
CA GLN A 73 11.81 -1.84 10.12
C GLN A 73 10.96 -1.40 8.93
N SER A 74 11.58 -1.00 7.81
CA SER A 74 10.85 -0.60 6.63
C SER A 74 9.98 -1.76 6.14
N LEU A 75 10.57 -2.94 6.07
CA LEU A 75 9.81 -4.06 5.54
C LEU A 75 8.60 -4.34 6.40
N ALA A 76 8.81 -4.43 7.71
CA ALA A 76 7.66 -4.72 8.60
C ALA A 76 6.58 -3.63 8.44
N ASP A 77 6.99 -2.35 8.42
CA ASP A 77 5.98 -1.27 8.30
C ASP A 77 5.23 -1.28 6.98
N LEU A 78 5.97 -1.44 5.89
CA LEU A 78 5.37 -1.45 4.59
C LEU A 78 4.46 -2.66 4.45
N THR A 79 4.86 -3.81 4.98
CA THR A 79 3.97 -4.98 4.91
C THR A 79 2.68 -4.71 5.66
N GLY A 80 2.77 -3.98 6.78
CA GLY A 80 1.56 -3.61 7.51
C GLY A 80 0.61 -2.73 6.68
N THR A 81 1.15 -1.76 5.95
CA THR A 81 0.30 -0.92 5.11
C THR A 81 -0.34 -1.71 3.98
N VAL A 82 0.47 -2.53 3.32
CA VAL A 82 -0.04 -3.39 2.28
C VAL A 82 -1.13 -4.29 2.87
N GLU A 83 -0.91 -4.87 4.05
CA GLU A 83 -2.03 -5.66 4.65
C GLU A 83 -3.31 -4.82 4.88
N GLU A 84 -3.16 -3.58 5.35
CA GLU A 84 -4.32 -2.73 5.54
C GLU A 84 -5.02 -2.46 4.22
N ASN A 85 -4.24 -2.29 3.13
CA ASN A 85 -4.81 -2.00 1.83
C ASN A 85 -5.54 -3.20 1.28
N SER A 86 -5.02 -4.40 1.52
CA SER A 86 -5.69 -5.62 1.06
C SER A 86 -7.09 -5.75 1.69
N GLU A 87 -7.19 -5.48 2.99
CA GLU A 87 -8.47 -5.62 3.71
C GLU A 87 -9.44 -4.55 3.22
N ALA A 88 -8.93 -3.34 3.00
CA ALA A 88 -9.76 -2.25 2.47
C ALA A 88 -10.33 -2.62 1.10
N LEU A 89 -9.53 -3.31 0.31
CA LEU A 89 -9.95 -3.79 -1.01
C LEU A 89 -11.09 -4.81 -0.94
N VAL A 90 -10.94 -5.78 -0.03
CA VAL A 90 -11.99 -6.76 0.20
C VAL A 90 -13.27 -6.10 0.68
N LYS A 91 -13.17 -5.17 1.63
CA LYS A 91 -14.34 -4.50 2.18
C LYS A 91 -14.99 -3.68 1.08
N THR A 92 -14.18 -2.99 0.29
CA THR A 92 -14.69 -2.23 -0.83
C THR A 92 -15.35 -3.14 -1.87
N ALA A 93 -14.72 -4.26 -2.21
CA ALA A 93 -15.35 -5.18 -3.16
C ALA A 93 -16.69 -5.72 -2.66
N GLU A 94 -16.77 -6.03 -1.37
CA GLU A 94 -18.03 -6.54 -0.80
C GLU A 94 -19.12 -5.50 -0.95
N VAL A 95 -18.81 -4.27 -0.56
CA VAL A 95 -19.77 -3.18 -0.66
C VAL A 95 -20.19 -2.99 -2.12
N VAL A 96 -19.22 -3.03 -3.03
CA VAL A 96 -19.51 -2.79 -4.45
C VAL A 96 -20.43 -3.86 -5.01
N ASN A 97 -20.20 -5.12 -4.64
CA ASN A 97 -21.06 -6.20 -5.09
C ASN A 97 -22.49 -6.00 -4.58
N ASP A 98 -22.60 -5.63 -3.30
CA ASP A 98 -23.87 -5.28 -2.69
C ASP A 98 -24.58 -4.19 -3.49
N ILE A 99 -23.84 -3.13 -3.83
CA ILE A 99 -24.42 -2.04 -4.59
C ILE A 99 -24.80 -2.53 -5.97
N SER A 100 -24.02 -3.46 -6.53
CA SER A 100 -24.30 -3.99 -7.86
C SER A 100 -25.61 -4.78 -7.87
N ALA A 101 -25.95 -5.38 -6.75
CA ALA A 101 -27.21 -6.13 -6.65
C ALA A 101 -28.39 -5.16 -6.54
N ASP A 102 -28.18 -4.07 -5.80
CA ASP A 102 -29.23 -3.08 -5.59
C ASP A 102 -29.51 -2.28 -6.87
N VAL A 103 -28.48 -2.03 -7.67
CA VAL A 103 -28.69 -1.28 -8.90
C VAL A 103 -29.45 -2.13 -9.92
N LYS A 104 -29.29 -3.45 -9.86
CA LYS A 104 -29.99 -4.33 -10.78
C LYS A 104 -31.44 -4.58 -10.35
N ALA A 105 -31.66 -4.65 -9.03
CA ALA A 105 -33.01 -4.80 -8.50
C ALA A 105 -33.85 -3.57 -8.81
N ASN A 106 -33.23 -2.40 -8.69
CA ASN A 106 -33.91 -1.14 -8.97
C ASN A 106 -34.17 -0.96 -10.46
N THR A 107 -33.24 -1.44 -11.27
CA THR A 107 -33.40 -1.38 -12.72
C THR A 107 -34.62 -2.17 -13.17
N ALA A 108 -34.83 -3.33 -12.56
CA ALA A 108 -35.95 -4.19 -12.89
C ALA A 108 -37.26 -3.59 -12.37
N ALA A 109 -37.16 -2.83 -11.28
CA ALA A 109 -38.33 -2.16 -10.73
C ALA A 109 -38.73 -0.99 -11.61
N ILE A 110 -37.75 -0.24 -12.09
CA ILE A 110 -38.00 0.88 -13.00
C ILE A 110 -38.62 0.36 -14.31
N ARG A 111 -38.06 -0.74 -14.81
CA ARG A 111 -38.60 -1.45 -15.96
C ARG A 111 -40.06 -1.86 -15.72
N GLU A 112 -40.30 -2.47 -14.55
CA GLU A 112 -41.62 -2.98 -14.19
C GLU A 112 -42.62 -1.86 -13.91
N ASN A 113 -42.21 -0.84 -13.17
CA ASN A 113 -43.09 0.28 -12.86
C ASN A 113 -43.40 1.13 -14.09
N LYS A 114 -42.60 0.97 -15.14
CA LYS A 114 -42.88 1.64 -16.41
C LYS A 114 -44.09 1.01 -17.08
N ALA A 115 -45.19 0.94 -16.33
CA ALA A 115 -46.47 0.46 -16.83
C ALA A 115 -47.40 1.65 -16.99
N ALA A 116 -47.62 2.05 -18.24
CA ALA A 116 -48.52 3.14 -18.61
C ALA A 116 -48.59 3.22 -20.13
N THR A 178 -139.13 -5.42 -35.41
CA THR A 178 -140.48 -5.91 -35.17
C THR A 178 -141.06 -5.29 -33.90
N ALA A 179 -140.31 -5.37 -32.81
CA ALA A 179 -140.70 -4.69 -31.58
C ALA A 179 -140.79 -3.19 -31.84
N ASN A 180 -139.88 -2.69 -32.67
CA ASN A 180 -139.87 -1.28 -33.06
C ASN A 180 -141.07 -0.91 -33.93
N GLY A 181 -141.38 -1.75 -34.91
CA GLY A 181 -142.55 -1.52 -35.75
C GLY A 181 -143.82 -1.57 -34.93
N LEU A 182 -143.82 -2.45 -33.94
CA LEU A 182 -144.93 -2.58 -33.00
C LEU A 182 -145.08 -1.31 -32.15
N GLU A 183 -143.96 -0.74 -31.72
CA GLU A 183 -143.96 0.49 -30.93
C GLU A 183 -144.44 1.72 -31.71
N THR A 184 -144.03 1.81 -32.97
CA THR A 184 -144.43 2.91 -33.83
C THR A 184 -145.95 2.96 -34.05
N ARG A 185 -146.56 1.79 -34.26
CA ARG A 185 -148.01 1.71 -34.46
C ARG A 185 -148.78 2.17 -33.22
N LEU A 186 -148.29 1.80 -32.04
CA LEU A 186 -148.86 2.29 -30.79
C LEU A 186 -148.82 3.81 -30.65
N ALA A 187 -147.63 4.39 -30.75
CA ALA A 187 -147.43 5.84 -30.62
C ALA A 187 -148.40 6.65 -31.49
N ASP A 188 -148.79 6.09 -32.63
CA ASP A 188 -149.72 6.73 -33.58
C ASP A 188 -151.16 6.87 -33.04
N ALA A 189 -151.39 6.49 -31.78
CA ALA A 189 -152.70 6.63 -31.15
C ALA A 189 -152.55 6.93 -29.67
I IOD B . 38.22 -8.60 7.54
I IOD C . -0.93 -2.00 -1.81
I IOD D . -30.08 2.91 -8.77
I IOD E . -39.58 4.51 -11.04
#